data_7B13
#
_entry.id   7B13
#
_cell.length_a   82.760
_cell.length_b   112.830
_cell.length_c   62.930
_cell.angle_alpha   90.000
_cell.angle_beta   90.000
_cell.angle_gamma   90.000
#
_symmetry.space_group_name_H-M   'C 2 2 21'
#
loop_
_entity.id
_entity.type
_entity.pdbx_description
1 polymer '14-3-3 protein sigma'
2 polymer SHN3pS542
3 non-polymer 'MAGNESIUM ION'
4 water water
#
loop_
_entity_poly.entity_id
_entity_poly.type
_entity_poly.pdbx_seq_one_letter_code
_entity_poly.pdbx_strand_id
1 'polypeptide(L)'
;GAMGSMERASLIQKAKLAEQAERYEDMAAFMKGAVEKGEELSCEERNLLSVAYKNVVGGQRAAWRVLSSIEQKSNEEGSE
EKGPEVREYREKVETELQGVCDTVLGLLDSHLIKEAGDAESRVFYLKMKGDYYRYLAEVATGDDKKRIIDSARSAYQEAM
DISKKEMPPTNPIRLGLALNFSVFHYEIANSPEEAISLAKTTFDEAMADLHTLSEDSYKDSTLIMQLLRDNLTLWT
;
A
2 'polypeptide(L)' ASH(SEP)MPSAAC P
#
# COMPACT_ATOMS: atom_id res chain seq x y z
N GLY A 1 9.06 13.33 19.74
CA GLY A 1 8.30 12.05 19.61
C GLY A 1 8.70 11.19 20.76
N ALA A 2 7.80 10.29 21.19
CA ALA A 2 8.04 9.42 22.33
C ALA A 2 9.18 8.44 22.08
N MET A 3 9.58 8.18 20.82
CA MET A 3 10.73 7.33 20.52
C MET A 3 12.05 8.08 20.35
N GLY A 4 12.08 9.38 20.53
CA GLY A 4 13.27 10.17 20.33
C GLY A 4 14.46 9.80 21.21
N SER A 5 14.23 9.23 22.39
CA SER A 5 15.32 8.84 23.28
C SER A 5 15.88 7.46 23.04
N MET A 6 15.29 6.67 22.15
CA MET A 6 15.73 5.28 21.88
C MET A 6 16.68 5.22 20.69
N GLU A 7 17.75 4.44 20.80
CA GLU A 7 18.70 4.20 19.69
C GLU A 7 17.97 3.65 18.46
N ARG A 8 18.47 4.07 17.29
CA ARG A 8 17.96 3.53 16.01
C ARG A 8 17.98 2.00 16.01
N ALA A 9 19.13 1.38 16.36
CA ALA A 9 19.25 -0.07 16.24
C ALA A 9 18.27 -0.77 17.19
N SER A 10 18.05 -0.20 18.39
CA SER A 10 17.09 -0.78 19.34
C SER A 10 15.63 -0.66 18.85
N LEU A 11 15.29 0.42 18.15
CA LEU A 11 13.95 0.54 17.53
C LEU A 11 13.74 -0.54 16.48
N ILE A 12 14.73 -0.78 15.61
CA ILE A 12 14.63 -1.84 14.60
CA ILE A 12 14.56 -1.84 14.61
C ILE A 12 14.49 -3.22 15.25
N GLN A 13 15.35 -3.50 16.25
CA GLN A 13 15.26 -4.77 17.00
C GLN A 13 13.84 -4.98 17.59
N LYS A 14 13.29 -3.94 18.24
CA LYS A 14 11.95 -4.03 18.82
C LYS A 14 10.84 -4.13 17.79
N ALA A 15 10.99 -3.51 16.63
CA ALA A 15 10.00 -3.69 15.53
C ALA A 15 9.93 -5.17 15.13
N LYS A 16 11.09 -5.85 15.04
CA LYS A 16 11.07 -7.29 14.70
C LYS A 16 10.43 -8.14 15.81
N LEU A 17 10.71 -7.83 17.07
CA LEU A 17 10.02 -8.51 18.19
C LEU A 17 8.50 -8.30 18.16
N ALA A 18 8.08 -7.06 17.91
CA ALA A 18 6.65 -6.72 17.83
C ALA A 18 5.97 -7.51 16.71
N GLU A 19 6.64 -7.68 15.57
CA GLU A 19 6.09 -8.48 14.46
C GLU A 19 5.87 -9.94 14.91
N GLN A 20 6.86 -10.51 15.64
CA GLN A 20 6.74 -11.91 16.12
C GLN A 20 5.58 -12.05 17.08
N ALA A 21 5.32 -11.02 17.88
CA ALA A 21 4.26 -10.96 18.89
C ALA A 21 2.89 -10.52 18.33
N GLU A 22 2.83 -10.21 17.04
CA GLU A 22 1.62 -9.69 16.40
CA GLU A 22 1.61 -9.70 16.40
C GLU A 22 1.10 -8.41 17.06
N ARG A 23 2.01 -7.53 17.47
CA ARG A 23 1.76 -6.23 18.09
C ARG A 23 2.03 -5.14 17.05
N TYR A 24 1.11 -5.00 16.06
CA TYR A 24 1.43 -4.16 14.89
C TYR A 24 1.34 -2.64 15.15
N GLU A 25 0.53 -2.19 16.08
CA GLU A 25 0.58 -0.78 16.47
CA GLU A 25 0.57 -0.78 16.49
C GLU A 25 1.95 -0.44 17.08
N ASP A 26 2.48 -1.29 17.97
CA ASP A 26 3.84 -1.10 18.50
C ASP A 26 4.86 -1.10 17.37
N MET A 27 4.74 -2.08 16.49
CA MET A 27 5.69 -2.21 15.37
C MET A 27 5.75 -0.92 14.54
N ALA A 28 4.57 -0.35 14.22
CA ALA A 28 4.51 0.91 13.46
C ALA A 28 5.12 2.09 14.25
N ALA A 29 4.85 2.20 15.56
CA ALA A 29 5.46 3.27 16.35
C ALA A 29 6.98 3.15 16.40
N PHE A 30 7.53 1.92 16.52
CA PHE A 30 8.97 1.73 16.50
C PHE A 30 9.55 2.16 15.15
N MET A 31 8.93 1.74 14.04
CA MET A 31 9.45 2.10 12.72
C MET A 31 9.32 3.61 12.43
N LYS A 32 8.24 4.27 12.85
CA LYS A 32 8.14 5.74 12.78
C LYS A 32 9.32 6.40 13.49
N GLY A 33 9.63 5.92 14.72
CA GLY A 33 10.78 6.40 15.43
C GLY A 33 12.09 6.23 14.67
N ALA A 34 12.28 5.06 14.03
CA ALA A 34 13.48 4.80 13.23
C ALA A 34 13.57 5.76 12.03
N VAL A 35 12.48 5.97 11.31
CA VAL A 35 12.49 6.93 10.19
C VAL A 35 12.88 8.32 10.66
N GLU A 36 12.36 8.73 11.82
CA GLU A 36 12.57 10.09 12.33
C GLU A 36 14.02 10.32 12.77
N LYS A 37 14.87 9.30 12.84
CA LYS A 37 16.31 9.50 13.07
C LYS A 37 16.97 10.23 11.90
N GLY A 38 16.35 10.22 10.70
CA GLY A 38 16.82 11.01 9.58
C GLY A 38 17.70 10.27 8.59
N GLU A 39 18.18 9.08 8.88
CA GLU A 39 18.98 8.28 7.98
CA GLU A 39 18.99 8.27 7.98
C GLU A 39 18.07 7.55 6.99
N GLU A 40 18.59 7.27 5.80
CA GLU A 40 17.88 6.42 4.82
C GLU A 40 17.66 5.00 5.42
N LEU A 41 16.68 4.27 4.87
CA LEU A 41 16.30 2.92 5.27
CA LEU A 41 16.33 2.92 5.28
C LEU A 41 16.86 1.88 4.30
N SER A 42 17.36 0.78 4.82
CA SER A 42 17.74 -0.37 4.00
C SER A 42 16.52 -1.10 3.42
N CYS A 43 16.75 -2.09 2.54
CA CYS A 43 15.65 -2.84 1.98
C CYS A 43 14.81 -3.52 3.07
N GLU A 44 15.47 -4.19 4.00
CA GLU A 44 14.75 -4.90 5.05
C GLU A 44 13.96 -3.92 5.91
N GLU A 45 14.56 -2.76 6.20
CA GLU A 45 13.88 -1.75 7.04
C GLU A 45 12.66 -1.15 6.31
N ARG A 46 12.72 -0.93 4.99
CA ARG A 46 11.57 -0.49 4.22
C ARG A 46 10.42 -1.49 4.33
N ASN A 47 10.72 -2.78 4.22
CA ASN A 47 9.69 -3.79 4.36
C ASN A 47 9.12 -3.83 5.78
N LEU A 48 9.92 -3.64 6.83
CA LEU A 48 9.35 -3.58 8.17
C LEU A 48 8.37 -2.39 8.32
N LEU A 49 8.71 -1.23 7.77
CA LEU A 49 7.84 -0.06 7.82
C LEU A 49 6.51 -0.35 7.12
N SER A 50 6.58 -0.92 5.90
CA SER A 50 5.40 -1.24 5.10
CA SER A 50 5.35 -1.17 5.16
C SER A 50 4.51 -2.28 5.78
N VAL A 51 5.07 -3.34 6.27
CA VAL A 51 4.28 -4.41 6.91
C VAL A 51 3.57 -3.86 8.15
N ALA A 52 4.26 -3.04 8.94
CA ALA A 52 3.67 -2.53 10.19
C ALA A 52 2.42 -1.71 9.87
N TYR A 53 2.56 -0.68 9.01
CA TYR A 53 1.43 0.19 8.70
C TYR A 53 0.36 -0.55 7.90
N LYS A 54 0.71 -1.54 7.05
CA LYS A 54 -0.31 -2.28 6.31
C LYS A 54 -1.25 -3.00 7.29
N ASN A 55 -0.71 -3.61 8.31
CA ASN A 55 -1.48 -4.32 9.31
C ASN A 55 -2.35 -3.37 10.12
N VAL A 56 -1.82 -2.20 10.52
CA VAL A 56 -2.63 -1.23 11.27
C VAL A 56 -3.81 -0.75 10.41
N VAL A 57 -3.51 -0.19 9.24
CA VAL A 57 -4.60 0.35 8.37
CA VAL A 57 -4.58 0.35 8.38
C VAL A 57 -5.50 -0.75 7.87
N GLY A 58 -4.99 -1.98 7.71
CA GLY A 58 -5.85 -3.09 7.28
C GLY A 58 -6.96 -3.41 8.28
N GLY A 59 -6.65 -3.37 9.58
CA GLY A 59 -7.69 -3.56 10.58
C GLY A 59 -8.69 -2.42 10.57
N GLN A 60 -8.23 -1.19 10.37
CA GLN A 60 -9.14 -0.04 10.29
C GLN A 60 -10.07 -0.12 9.07
N ARG A 61 -9.52 -0.50 7.91
CA ARG A 61 -10.33 -0.63 6.69
C ARG A 61 -11.39 -1.73 6.84
N ALA A 62 -11.02 -2.87 7.40
CA ALA A 62 -11.98 -3.96 7.62
C ALA A 62 -13.11 -3.47 8.53
N ALA A 63 -12.78 -2.75 9.61
CA ALA A 63 -13.81 -2.23 10.55
C ALA A 63 -14.70 -1.20 9.87
N TRP A 64 -14.10 -0.29 9.13
CA TRP A 64 -14.85 0.74 8.37
C TRP A 64 -15.84 0.10 7.40
N ARG A 65 -15.45 -0.98 6.71
CA ARG A 65 -16.37 -1.64 5.76
CA ARG A 65 -16.38 -1.60 5.77
C ARG A 65 -17.56 -2.26 6.47
N VAL A 66 -17.35 -2.87 7.64
CA VAL A 66 -18.46 -3.45 8.41
C VAL A 66 -19.44 -2.33 8.80
N LEU A 67 -18.92 -1.22 9.35
CA LEU A 67 -19.72 -0.12 9.85
C LEU A 67 -20.46 0.58 8.72
N SER A 68 -19.78 0.80 7.58
CA SER A 68 -20.42 1.43 6.42
CA SER A 68 -20.43 1.42 6.43
C SER A 68 -21.57 0.58 5.89
N SER A 69 -21.40 -0.73 5.87
CA SER A 69 -22.48 -1.62 5.43
C SER A 69 -23.70 -1.49 6.33
N ILE A 70 -23.50 -1.47 7.65
CA ILE A 70 -24.62 -1.34 8.60
C ILE A 70 -25.31 0.01 8.40
N GLU A 71 -24.54 1.10 8.21
CA GLU A 71 -25.07 2.44 8.00
C GLU A 71 -25.90 2.49 6.72
N GLN A 72 -25.40 1.89 5.65
CA GLN A 72 -26.15 1.94 4.39
C GLN A 72 -27.46 1.17 4.51
N LYS A 73 -27.44 0.00 5.16
CA LYS A 73 -28.67 -0.75 5.37
C LYS A 73 -29.68 0.05 6.15
N SER A 74 -29.22 0.79 7.18
CA SER A 74 -30.14 1.60 7.98
C SER A 74 -30.74 2.75 7.20
N ASN A 75 -30.21 3.07 6.02
CA ASN A 75 -30.74 4.11 5.15
C ASN A 75 -31.61 3.57 4.01
N GLU A 76 -31.92 2.28 4.03
CA GLU A 76 -32.82 1.70 3.05
C GLU A 76 -34.27 2.00 3.42
N GLU A 77 -35.18 1.60 2.53
CA GLU A 77 -36.62 1.79 2.75
C GLU A 77 -37.15 0.69 3.67
N GLY A 78 -37.85 1.09 4.72
CA GLY A 78 -38.41 0.17 5.69
C GLY A 78 -37.53 -0.08 6.90
N SER A 79 -36.34 0.52 6.95
CA SER A 79 -35.39 0.31 8.04
C SER A 79 -35.73 1.25 9.19
N GLU A 80 -35.60 0.74 10.41
CA GLU A 80 -35.96 1.50 11.60
C GLU A 80 -34.89 2.54 11.91
N GLU A 81 -35.33 3.77 12.22
CA GLU A 81 -34.43 4.82 12.68
C GLU A 81 -33.87 4.46 14.03
N LYS A 82 -32.53 4.51 14.16
CA LYS A 82 -31.87 4.15 15.41
C LYS A 82 -31.00 5.26 15.97
N GLY A 83 -31.11 6.48 15.45
CA GLY A 83 -30.35 7.58 16.01
C GLY A 83 -28.99 7.75 15.35
N PRO A 84 -28.17 8.61 15.93
CA PRO A 84 -26.92 9.03 15.30
C PRO A 84 -25.75 8.07 15.53
N GLU A 85 -25.92 7.00 16.31
CA GLU A 85 -24.77 6.24 16.82
C GLU A 85 -23.99 5.51 15.72
N VAL A 86 -24.64 4.90 14.75
CA VAL A 86 -23.90 4.20 13.69
C VAL A 86 -23.02 5.17 12.91
N ARG A 87 -23.60 6.28 12.47
CA ARG A 87 -22.83 7.32 11.78
C ARG A 87 -21.68 7.82 12.63
N GLU A 88 -21.94 8.13 13.91
CA GLU A 88 -20.89 8.64 14.80
C GLU A 88 -19.71 7.65 14.90
N TYR A 89 -20.01 6.38 15.10
CA TYR A 89 -18.93 5.40 15.29
C TYR A 89 -18.18 5.11 13.98
N ARG A 90 -18.91 5.06 12.81
CA ARG A 90 -18.23 5.01 11.50
C ARG A 90 -17.30 6.20 11.33
N GLU A 91 -17.76 7.41 11.69
CA GLU A 91 -16.92 8.61 11.63
CA GLU A 91 -16.91 8.60 11.60
C GLU A 91 -15.70 8.50 12.50
N LYS A 92 -15.85 7.93 13.70
CA LYS A 92 -14.70 7.81 14.60
CA LYS A 92 -14.71 7.79 14.61
C LYS A 92 -13.62 6.92 13.99
N VAL A 93 -14.00 5.76 13.48
CA VAL A 93 -13.03 4.85 12.85
C VAL A 93 -12.45 5.49 11.59
N GLU A 94 -13.26 6.20 10.79
CA GLU A 94 -12.79 6.92 9.62
C GLU A 94 -11.73 7.94 9.98
N THR A 95 -11.96 8.74 11.01
CA THR A 95 -11.02 9.79 11.38
C THR A 95 -9.69 9.16 11.85
N GLU A 96 -9.76 8.03 12.58
CA GLU A 96 -8.51 7.37 12.99
CA GLU A 96 -8.53 7.34 13.01
C GLU A 96 -7.73 6.81 11.79
N LEU A 97 -8.44 6.22 10.82
CA LEU A 97 -7.84 5.73 9.57
CA LEU A 97 -7.82 5.74 9.59
C LEU A 97 -7.16 6.88 8.82
N GLN A 98 -7.85 7.99 8.66
CA GLN A 98 -7.29 9.15 7.98
C GLN A 98 -6.02 9.61 8.69
N GLY A 99 -6.03 9.61 10.03
CA GLY A 99 -4.87 10.02 10.79
C GLY A 99 -3.65 9.14 10.55
N VAL A 100 -3.85 7.84 10.46
CA VAL A 100 -2.75 6.91 10.13
C VAL A 100 -2.23 7.17 8.72
N CYS A 101 -3.13 7.33 7.74
CA CYS A 101 -2.67 7.63 6.37
C CYS A 101 -1.88 8.92 6.30
N ASP A 102 -2.34 9.95 6.99
CA ASP A 102 -1.63 11.24 7.03
C ASP A 102 -0.25 11.11 7.68
N THR A 103 -0.14 10.26 8.69
CA THR A 103 1.17 9.99 9.34
C THR A 103 2.15 9.35 8.34
N VAL A 104 1.71 8.31 7.61
CA VAL A 104 2.58 7.67 6.63
C VAL A 104 2.97 8.63 5.52
N LEU A 105 1.99 9.37 4.97
CA LEU A 105 2.26 10.35 3.91
C LEU A 105 3.25 11.39 4.41
N GLY A 106 3.13 11.76 5.68
CA GLY A 106 4.05 12.75 6.22
C GLY A 106 5.50 12.24 6.33
N LEU A 107 5.69 10.98 6.68
CA LEU A 107 7.01 10.37 6.69
C LEU A 107 7.61 10.33 5.28
N LEU A 108 6.77 9.99 4.28
CA LEU A 108 7.23 9.97 2.89
C LEU A 108 7.65 11.35 2.40
N ASP A 109 6.88 12.38 2.77
CA ASP A 109 7.17 13.74 2.32
CA ASP A 109 7.14 13.76 2.34
C ASP A 109 8.27 14.42 3.14
N SER A 110 8.54 13.94 4.33
CA SER A 110 9.52 14.57 5.26
C SER A 110 10.33 13.48 5.94
N HIS A 111 11.31 12.89 5.26
CA HIS A 111 11.92 13.27 3.99
C HIS A 111 12.33 12.04 3.14
N LEU A 112 11.54 10.94 3.24
CA LEU A 112 12.01 9.69 2.65
C LEU A 112 12.14 9.74 1.10
N ILE A 113 11.13 10.28 0.43
CA ILE A 113 11.14 10.31 -1.04
C ILE A 113 12.29 11.18 -1.58
N LYS A 114 12.49 12.41 -1.03
CA LYS A 114 13.49 13.30 -1.61
C LYS A 114 14.90 12.76 -1.43
N GLU A 115 15.17 11.93 -0.42
CA GLU A 115 16.51 11.40 -0.28
CA GLU A 115 16.50 11.37 -0.21
C GLU A 115 16.72 10.07 -0.97
N ALA A 116 15.68 9.52 -1.62
CA ALA A 116 15.78 8.20 -2.28
C ALA A 116 16.20 8.37 -3.77
N GLY A 117 17.42 8.01 -4.07
CA GLY A 117 17.99 8.15 -5.40
C GLY A 117 18.07 6.87 -6.18
N ASP A 118 18.21 5.74 -5.51
CA ASP A 118 18.27 4.51 -6.26
C ASP A 118 16.86 4.18 -6.70
N ALA A 119 16.73 3.49 -7.83
CA ALA A 119 15.40 3.15 -8.32
C ALA A 119 14.62 2.28 -7.35
N GLU A 120 15.26 1.32 -6.67
CA GLU A 120 14.54 0.41 -5.80
C GLU A 120 13.88 1.17 -4.63
N SER A 121 14.61 2.09 -4.00
CA SER A 121 14.03 2.82 -2.87
CA SER A 121 14.05 2.84 -2.89
C SER A 121 12.99 3.82 -3.38
N ARG A 122 13.29 4.57 -4.44
CA ARG A 122 12.37 5.60 -4.93
C ARG A 122 11.03 4.99 -5.38
N VAL A 123 11.07 3.92 -6.16
CA VAL A 123 9.84 3.23 -6.59
C VAL A 123 9.05 2.69 -5.39
N PHE A 124 9.75 2.05 -4.41
CA PHE A 124 9.07 1.54 -3.23
CA PHE A 124 9.06 1.53 -3.22
C PHE A 124 8.27 2.64 -2.53
N TYR A 125 8.91 3.80 -2.30
CA TYR A 125 8.24 4.90 -1.58
C TYR A 125 7.11 5.56 -2.38
N LEU A 126 7.29 5.75 -3.69
CA LEU A 126 6.23 6.29 -4.53
C LEU A 126 5.02 5.33 -4.61
N LYS A 127 5.26 4.03 -4.66
CA LYS A 127 4.17 3.03 -4.53
C LYS A 127 3.43 3.21 -3.20
N MET A 128 4.17 3.34 -2.09
CA MET A 128 3.53 3.53 -0.80
CA MET A 128 3.53 3.53 -0.80
C MET A 128 2.68 4.79 -0.79
N LYS A 129 3.19 5.88 -1.39
CA LYS A 129 2.43 7.12 -1.50
C LYS A 129 1.10 6.88 -2.23
N GLY A 130 1.13 6.18 -3.37
CA GLY A 130 -0.09 5.83 -4.08
C GLY A 130 -1.06 4.99 -3.25
N ASP A 131 -0.52 4.02 -2.50
CA ASP A 131 -1.34 3.13 -1.65
C ASP A 131 -2.09 3.92 -0.55
N TYR A 132 -1.39 4.81 0.13
CA TYR A 132 -2.05 5.53 1.27
C TYR A 132 -3.01 6.63 0.77
N TYR A 133 -2.75 7.28 -0.40
CA TYR A 133 -3.79 8.09 -1.04
C TYR A 133 -4.98 7.24 -1.48
N ARG A 134 -4.75 5.99 -1.94
CA ARG A 134 -5.82 5.07 -2.31
C ARG A 134 -6.72 4.77 -1.10
N TYR A 135 -6.10 4.48 0.07
CA TYR A 135 -6.91 4.23 1.28
C TYR A 135 -7.70 5.48 1.69
N LEU A 136 -7.12 6.67 1.58
CA LEU A 136 -7.92 7.89 1.76
C LEU A 136 -9.09 7.97 0.76
N ALA A 137 -8.86 7.56 -0.51
CA ALA A 137 -9.91 7.68 -1.55
C ALA A 137 -11.06 6.73 -1.26
N GLU A 138 -10.82 5.57 -0.62
CA GLU A 138 -11.87 4.60 -0.32
C GLU A 138 -12.94 5.18 0.59
N VAL A 139 -12.59 6.16 1.44
CA VAL A 139 -13.54 6.78 2.41
C VAL A 139 -13.92 8.22 2.05
N ALA A 140 -13.41 8.78 0.98
CA ALA A 140 -13.62 10.18 0.61
C ALA A 140 -14.97 10.38 -0.06
N THR A 141 -15.62 11.50 0.29
CA THR A 141 -16.95 11.80 -0.23
C THR A 141 -17.17 13.28 -0.56
N GLY A 142 -16.27 14.18 -0.20
CA GLY A 142 -16.52 15.60 -0.32
C GLY A 142 -15.76 16.32 -1.42
N ASP A 143 -15.45 17.61 -1.20
CA ASP A 143 -14.92 18.49 -2.24
C ASP A 143 -13.52 18.09 -2.70
N ASP A 144 -12.78 17.32 -1.90
CA ASP A 144 -11.42 16.95 -2.22
C ASP A 144 -11.28 15.54 -2.76
N LYS A 145 -12.38 14.82 -2.96
CA LYS A 145 -12.30 13.45 -3.45
C LYS A 145 -11.53 13.34 -4.77
N LYS A 146 -11.86 14.19 -5.73
CA LYS A 146 -11.15 14.11 -7.02
C LYS A 146 -9.67 14.35 -6.87
N ARG A 147 -9.26 15.32 -6.04
CA ARG A 147 -7.86 15.66 -5.85
C ARG A 147 -7.13 14.49 -5.12
N ILE A 148 -7.81 13.82 -4.18
CA ILE A 148 -7.20 12.63 -3.50
C ILE A 148 -6.96 11.50 -4.51
N ILE A 149 -7.93 11.24 -5.40
CA ILE A 149 -7.76 10.23 -6.42
C ILE A 149 -6.62 10.60 -7.35
N ASP A 150 -6.53 11.87 -7.76
CA ASP A 150 -5.47 12.25 -8.66
C ASP A 150 -4.08 12.15 -8.01
N SER A 151 -3.99 12.44 -6.68
CA SER A 151 -2.70 12.29 -5.98
C SER A 151 -2.25 10.82 -5.97
N ALA A 152 -3.20 9.88 -5.79
CA ALA A 152 -2.81 8.43 -5.87
C ALA A 152 -2.33 8.11 -7.28
N ARG A 153 -3.11 8.54 -8.30
CA ARG A 153 -2.74 8.26 -9.70
CA ARG A 153 -2.74 8.25 -9.69
C ARG A 153 -1.35 8.80 -10.03
N SER A 154 -1.07 10.05 -9.64
CA SER A 154 0.20 10.69 -9.98
CA SER A 154 0.20 10.68 -10.00
C SER A 154 1.40 9.97 -9.36
N ALA A 155 1.28 9.56 -8.07
CA ALA A 155 2.37 8.81 -7.42
C ALA A 155 2.61 7.44 -8.08
N TYR A 156 1.51 6.70 -8.34
CA TYR A 156 1.64 5.41 -9.05
C TYR A 156 2.24 5.57 -10.45
N GLN A 157 1.85 6.63 -11.18
CA GLN A 157 2.38 6.84 -12.54
C GLN A 157 3.88 7.13 -12.52
N GLU A 158 4.35 7.99 -11.60
CA GLU A 158 5.78 8.27 -11.52
CA GLU A 158 5.78 8.26 -11.50
C GLU A 158 6.55 7.00 -11.15
N ALA A 159 6.03 6.20 -10.23
CA ALA A 159 6.66 4.92 -9.88
C ALA A 159 6.72 3.97 -11.10
N MET A 160 5.64 3.92 -11.89
CA MET A 160 5.60 3.04 -13.07
CA MET A 160 5.61 3.06 -13.08
C MET A 160 6.65 3.49 -14.08
N ASP A 161 6.78 4.80 -14.30
CA ASP A 161 7.73 5.30 -15.32
C ASP A 161 9.16 4.93 -14.94
N ILE A 162 9.56 5.11 -13.67
CA ILE A 162 10.91 4.72 -13.23
C ILE A 162 11.08 3.20 -13.33
N SER A 163 10.09 2.43 -12.86
CA SER A 163 10.22 0.96 -12.82
CA SER A 163 10.21 0.97 -12.83
CA SER A 163 10.21 0.97 -12.83
C SER A 163 10.43 0.40 -14.24
N LYS A 164 9.72 0.93 -15.23
CA LYS A 164 9.86 0.42 -16.61
C LYS A 164 11.24 0.75 -17.18
N LYS A 165 11.82 1.86 -16.81
CA LYS A 165 13.15 2.22 -17.32
CA LYS A 165 13.15 2.24 -17.31
C LYS A 165 14.29 1.51 -16.60
N GLU A 166 14.16 1.22 -15.28
CA GLU A 166 15.27 0.81 -14.44
C GLU A 166 15.24 -0.62 -13.92
N MET A 167 14.11 -1.35 -13.99
CA MET A 167 13.97 -2.66 -13.37
CA MET A 167 14.03 -2.67 -13.39
C MET A 167 13.49 -3.70 -14.38
N PRO A 168 13.87 -4.97 -14.20
CA PRO A 168 13.32 -6.03 -15.07
C PRO A 168 11.85 -6.30 -14.79
N PRO A 169 11.13 -6.92 -15.75
CA PRO A 169 9.68 -7.14 -15.57
C PRO A 169 9.32 -8.11 -14.48
N THR A 170 10.27 -8.91 -13.97
CA THR A 170 10.05 -9.81 -12.84
C THR A 170 10.38 -9.20 -11.47
N ASN A 171 10.94 -8.00 -11.42
CA ASN A 171 11.37 -7.47 -10.12
C ASN A 171 10.16 -7.40 -9.16
N PRO A 172 10.26 -7.90 -7.91
CA PRO A 172 9.07 -7.90 -7.03
C PRO A 172 8.50 -6.52 -6.70
N ILE A 173 9.32 -5.47 -6.67
CA ILE A 173 8.79 -4.11 -6.43
C ILE A 173 7.93 -3.70 -7.63
N ARG A 174 8.46 -3.87 -8.85
CA ARG A 174 7.73 -3.56 -10.08
C ARG A 174 6.43 -4.34 -10.17
N LEU A 175 6.44 -5.64 -9.83
CA LEU A 175 5.23 -6.46 -9.88
C LEU A 175 4.19 -6.03 -8.88
N GLY A 176 4.62 -5.77 -7.61
CA GLY A 176 3.64 -5.33 -6.61
C GLY A 176 3.04 -3.96 -6.88
N LEU A 177 3.85 -3.05 -7.44
CA LEU A 177 3.38 -1.76 -7.93
C LEU A 177 2.28 -1.94 -8.96
N ALA A 178 2.56 -2.73 -10.01
CA ALA A 178 1.56 -2.94 -11.07
C ALA A 178 0.29 -3.59 -10.55
N LEU A 179 0.41 -4.59 -9.67
CA LEU A 179 -0.74 -5.19 -9.01
C LEU A 179 -1.60 -4.11 -8.33
N ASN A 180 -0.97 -3.29 -7.48
CA ASN A 180 -1.76 -2.30 -6.70
C ASN A 180 -2.32 -1.16 -7.57
N PHE A 181 -1.60 -0.74 -8.62
CA PHE A 181 -2.14 0.25 -9.57
C PHE A 181 -3.34 -0.32 -10.32
N SER A 182 -3.29 -1.61 -10.68
CA SER A 182 -4.44 -2.26 -11.33
CA SER A 182 -4.43 -2.26 -11.32
C SER A 182 -5.64 -2.25 -10.40
N VAL A 183 -5.45 -2.54 -9.10
CA VAL A 183 -6.54 -2.43 -8.10
C VAL A 183 -7.11 -1.00 -8.01
N PHE A 184 -6.23 0.01 -7.98
CA PHE A 184 -6.64 1.42 -8.07
C PHE A 184 -7.58 1.64 -9.26
N HIS A 185 -7.19 1.20 -10.47
CA HIS A 185 -8.04 1.41 -11.65
C HIS A 185 -9.39 0.74 -11.50
N TYR A 186 -9.46 -0.48 -10.95
CA TYR A 186 -10.71 -1.24 -10.87
C TYR A 186 -11.63 -0.68 -9.78
N GLU A 187 -11.09 -0.40 -8.61
CA GLU A 187 -11.89 -0.13 -7.40
CA GLU A 187 -11.91 -0.13 -7.43
C GLU A 187 -12.07 1.36 -7.13
N ILE A 188 -11.17 2.23 -7.57
CA ILE A 188 -11.21 3.65 -7.26
C ILE A 188 -11.56 4.49 -8.48
N ALA A 189 -10.93 4.24 -9.62
CA ALA A 189 -11.01 5.12 -10.77
C ALA A 189 -12.13 4.73 -11.73
N ASN A 190 -12.93 3.71 -11.43
CA ASN A 190 -14.00 3.27 -12.31
C ASN A 190 -13.48 2.96 -13.72
N SER A 191 -12.32 2.30 -13.80
CA SER A 191 -11.62 2.00 -15.07
C SER A 191 -11.31 0.51 -15.17
N PRO A 192 -12.31 -0.37 -15.15
CA PRO A 192 -12.03 -1.83 -15.17
C PRO A 192 -11.22 -2.28 -16.40
N GLU A 193 -11.45 -1.73 -17.57
CA GLU A 193 -10.66 -2.16 -18.74
C GLU A 193 -9.19 -1.82 -18.58
N GLU A 194 -8.85 -0.65 -18.01
CA GLU A 194 -7.47 -0.29 -17.74
C GLU A 194 -6.85 -1.23 -16.72
N ALA A 195 -7.61 -1.60 -15.72
CA ALA A 195 -7.16 -2.56 -14.70
C ALA A 195 -6.79 -3.91 -15.33
N ILE A 196 -7.70 -4.46 -16.13
CA ILE A 196 -7.49 -5.77 -16.78
C ILE A 196 -6.32 -5.70 -17.77
N SER A 197 -6.21 -4.65 -18.57
CA SER A 197 -5.09 -4.53 -19.50
CA SER A 197 -5.10 -4.50 -19.51
C SER A 197 -3.75 -4.47 -18.79
N LEU A 198 -3.65 -3.65 -17.72
CA LEU A 198 -2.39 -3.57 -16.96
C LEU A 198 -2.05 -4.91 -16.34
N ALA A 199 -2.99 -5.60 -15.73
CA ALA A 199 -2.70 -6.89 -15.09
C ALA A 199 -2.22 -7.93 -16.13
N LYS A 200 -2.89 -7.99 -17.27
CA LYS A 200 -2.53 -8.93 -18.34
CA LYS A 200 -2.52 -8.96 -18.31
C LYS A 200 -1.13 -8.67 -18.90
N THR A 201 -0.85 -7.43 -19.29
CA THR A 201 0.47 -7.06 -19.83
C THR A 201 1.56 -7.35 -18.80
N THR A 202 1.32 -6.98 -17.55
CA THR A 202 2.34 -7.21 -16.49
C THR A 202 2.61 -8.72 -16.36
N PHE A 203 1.54 -9.55 -16.34
CA PHE A 203 1.70 -11.00 -16.20
C PHE A 203 2.50 -11.58 -17.35
N ASP A 204 2.17 -11.19 -18.58
CA ASP A 204 2.79 -11.78 -19.77
C ASP A 204 4.26 -11.37 -19.90
N GLU A 205 4.60 -10.13 -19.60
CA GLU A 205 5.98 -9.68 -19.67
C GLU A 205 6.82 -10.32 -18.58
N ALA A 206 6.25 -10.57 -17.40
CA ALA A 206 6.96 -11.30 -16.35
C ALA A 206 7.19 -12.77 -16.74
N MET A 207 6.16 -13.43 -17.30
CA MET A 207 6.32 -14.82 -17.72
CA MET A 207 6.30 -14.81 -17.77
C MET A 207 7.52 -14.99 -18.66
N ALA A 208 7.69 -14.10 -19.62
CA ALA A 208 8.75 -14.17 -20.61
C ALA A 208 10.12 -13.87 -20.06
N ASP A 209 10.24 -13.37 -18.80
CA ASP A 209 11.54 -13.07 -18.17
C ASP A 209 11.91 -14.06 -17.07
N LEU A 210 11.03 -15.00 -16.73
CA LEU A 210 11.30 -15.98 -15.65
C LEU A 210 12.56 -16.81 -15.95
N HIS A 211 12.89 -17.06 -17.23
CA HIS A 211 14.02 -17.93 -17.59
C HIS A 211 15.35 -17.39 -17.12
N THR A 212 15.42 -16.09 -16.79
CA THR A 212 16.66 -15.43 -16.36
C THR A 212 16.94 -15.62 -14.86
N LEU A 213 16.02 -16.17 -14.10
CA LEU A 213 16.01 -16.15 -12.64
C LEU A 213 16.55 -17.42 -11.99
N SER A 214 17.16 -17.23 -10.81
CA SER A 214 17.44 -18.35 -9.91
C SER A 214 16.15 -18.96 -9.35
N GLU A 215 16.24 -20.14 -8.69
CA GLU A 215 15.07 -20.76 -8.09
C GLU A 215 14.43 -19.85 -7.04
N ASP A 216 15.26 -19.19 -6.21
CA ASP A 216 14.69 -18.36 -5.15
C ASP A 216 13.99 -17.10 -5.73
N SER A 217 14.63 -16.43 -6.70
CA SER A 217 13.98 -15.27 -7.38
C SER A 217 12.68 -15.69 -8.11
N TYR A 218 12.69 -16.89 -8.73
CA TYR A 218 11.52 -17.43 -9.41
CA TYR A 218 11.52 -17.41 -9.42
C TYR A 218 10.36 -17.58 -8.44
N LYS A 219 10.65 -18.10 -7.23
CA LYS A 219 9.59 -18.23 -6.24
CA LYS A 219 9.59 -18.23 -6.23
C LYS A 219 9.01 -16.86 -5.85
N ASP A 220 9.87 -15.87 -5.62
CA ASP A 220 9.40 -14.52 -5.24
C ASP A 220 8.48 -13.93 -6.35
N SER A 221 8.90 -14.02 -7.61
CA SER A 221 8.13 -13.40 -8.69
C SER A 221 6.84 -14.13 -9.00
N THR A 222 6.86 -15.48 -9.04
CA THR A 222 5.66 -16.23 -9.33
C THR A 222 4.58 -16.07 -8.26
N LEU A 223 4.98 -15.82 -7.00
CA LEU A 223 3.97 -15.58 -5.95
CA LEU A 223 3.96 -15.57 -5.96
C LEU A 223 3.10 -14.36 -6.30
N ILE A 224 3.74 -13.28 -6.78
CA ILE A 224 2.99 -12.07 -7.11
CA ILE A 224 3.00 -12.06 -7.13
C ILE A 224 2.24 -12.22 -8.42
N MET A 225 2.84 -12.95 -9.40
CA MET A 225 2.11 -13.25 -10.62
C MET A 225 0.79 -13.98 -10.36
N GLN A 226 0.78 -14.86 -9.35
CA GLN A 226 -0.45 -15.57 -9.00
C GLN A 226 -1.54 -14.62 -8.52
N LEU A 227 -1.17 -13.59 -7.75
CA LEU A 227 -2.14 -12.57 -7.35
C LEU A 227 -2.72 -11.81 -8.55
N LEU A 228 -1.90 -11.48 -9.58
CA LEU A 228 -2.42 -10.86 -10.78
C LEU A 228 -3.45 -11.75 -11.46
N ARG A 229 -3.13 -13.06 -11.56
CA ARG A 229 -4.03 -14.03 -12.18
C ARG A 229 -5.31 -14.17 -11.35
N ASP A 230 -5.20 -14.18 -10.02
CA ASP A 230 -6.40 -14.29 -9.17
C ASP A 230 -7.31 -13.07 -9.36
N ASN A 231 -6.74 -11.86 -9.49
CA ASN A 231 -7.58 -10.68 -9.76
C ASN A 231 -8.22 -10.79 -11.13
N LEU A 232 -7.45 -11.16 -12.17
CA LEU A 232 -8.03 -11.33 -13.50
C LEU A 232 -9.20 -12.34 -13.49
N THR A 233 -9.09 -13.42 -12.70
CA THR A 233 -10.20 -14.38 -12.56
C THR A 233 -11.44 -13.75 -11.90
N LEU A 234 -11.23 -12.91 -10.89
CA LEU A 234 -12.32 -12.19 -10.23
CA LEU A 234 -12.33 -12.20 -10.23
C LEU A 234 -12.97 -11.15 -11.14
N TRP A 235 -12.21 -10.50 -12.01
CA TRP A 235 -12.68 -9.35 -12.78
C TRP A 235 -13.20 -9.71 -14.17
N THR A 236 -13.01 -10.94 -14.64
CA THR A 236 -13.41 -11.34 -15.98
C THR A 236 -14.32 -12.58 -15.97
N ALA B 1 -11.99 -8.04 -1.59
CA ALA B 1 -11.87 -9.24 -2.42
C ALA B 1 -10.70 -9.23 -3.43
N SER B 2 -10.21 -8.04 -3.81
CA SER B 2 -9.01 -7.92 -4.65
C SER B 2 -7.76 -8.10 -3.78
N HIS B 3 -6.71 -8.59 -4.41
CA HIS B 3 -5.48 -8.79 -3.74
C HIS B 3 -4.56 -7.61 -4.03
N MET B 5 -0.37 -5.94 -2.54
CA MET B 5 0.87 -6.29 -1.85
CA MET B 5 0.70 -6.23 -1.63
C MET B 5 1.65 -5.13 -1.21
N PRO B 6 1.99 -5.18 0.10
CA PRO B 6 2.75 -4.06 0.69
C PRO B 6 4.27 -4.19 0.65
N SER B 7 4.82 -5.40 0.51
CA SER B 7 6.25 -5.63 0.66
C SER B 7 6.88 -6.04 -0.67
N ALA B 8 8.21 -6.11 -0.71
CA ALA B 8 8.94 -6.46 -1.92
C ALA B 8 10.17 -7.26 -1.51
N ALA B 9 10.23 -8.52 -1.92
CA ALA B 9 11.30 -9.41 -1.44
C ALA B 9 12.69 -8.85 -1.78
N CYS B 10 13.60 -8.89 -0.81
CA CYS B 10 14.96 -8.35 -1.01
C CYS B 10 15.89 -9.38 -1.71
#